data_9RQ9
#
_entry.id   9RQ9
#
_cell.length_a   68.124
_cell.length_b   89.717
_cell.length_c   44.960
_cell.angle_alpha   90.000
_cell.angle_beta   90.000
_cell.angle_gamma   90.000
#
_symmetry.space_group_name_H-M   'P 21 21 2'
#
loop_
_entity.id
_entity.type
_entity.pdbx_description
1 polymer 'FosA family fosfomycin resistance glutathione transferase'
2 non-polymer 4-[(methylamino)methyl]phenol
3 non-polymer 1,2-ETHANEDIOL
4 non-polymer 'MANGANESE (II) ION'
5 non-polymer 'DIMETHYL SULFOXIDE'
6 water water
#
_entity_poly.entity_id   1
_entity_poly.type   'polypeptide(L)'
_entity_poly.pdbx_seq_one_letter_code
;MLSGLNHLTLAVSQLAPSVAFYQQLLGMTLHARWDSGAYLSCGDLWLCLSLDPQRRVTPPEESDYTHYAFSISEADFASF
AARLEAAGVAVWKLNRSEGASHYFLDPDGHKLELHVGSLAQRLAACREQPYKGMVFFEQHHHHHH
;
_entity_poly.pdbx_strand_id   A,B
#
loop_
_chem_comp.id
_chem_comp.type
_chem_comp.name
_chem_comp.formula
DMS non-polymer 'DIMETHYL SULFOXIDE' 'C2 H6 O S'
EDO non-polymer 1,2-ETHANEDIOL 'C2 H6 O2'
MN non-polymer 'MANGANESE (II) ION' 'Mn 2'
RBJ non-polymer 4-[(methylamino)methyl]phenol 'C8 H11 N O'
#
# COMPACT_ATOMS: atom_id res chain seq x y z
N MET A 1 17.24 6.66 6.41
CA MET A 1 16.04 6.63 7.29
C MET A 1 14.76 6.73 6.48
N LEU A 2 13.89 5.74 6.63
CA LEU A 2 12.61 5.76 5.92
C LEU A 2 11.65 6.66 6.65
N SER A 3 10.84 7.40 5.88
N SER A 3 10.88 7.43 5.88
CA SER A 3 10.02 8.44 6.47
CA SER A 3 9.82 8.22 6.50
C SER A 3 8.52 8.29 6.25
C SER A 3 8.60 8.23 5.60
N GLY A 4 8.07 7.30 5.50
N GLY A 4 7.67 7.34 5.89
CA GLY A 4 6.66 7.09 5.26
CA GLY A 4 6.39 7.35 5.24
C GLY A 4 6.46 6.37 3.94
C GLY A 4 6.41 6.60 3.93
N LEU A 5 5.20 6.35 3.47
CA LEU A 5 4.94 5.75 2.17
C LEU A 5 5.10 6.84 1.11
N ASN A 6 6.01 6.60 0.16
CA ASN A 6 6.18 7.54 -0.94
C ASN A 6 5.04 7.42 -1.94
N HIS A 7 4.70 6.20 -2.34
CA HIS A 7 3.56 5.95 -3.21
C HIS A 7 3.13 4.50 -3.09
N LEU A 8 1.86 4.27 -3.46
CA LEU A 8 1.27 2.96 -3.63
C LEU A 8 1.02 2.77 -5.11
N THR A 9 1.55 1.69 -5.68
CA THR A 9 1.31 1.35 -7.08
C THR A 9 0.51 0.08 -7.16
N LEU A 10 -0.64 0.16 -7.82
CA LEU A 10 -1.49 -1.00 -8.05
C LEU A 10 -1.41 -1.39 -9.51
N ALA A 11 -1.11 -2.66 -9.77
CA ALA A 11 -1.20 -3.20 -11.12
C ALA A 11 -2.66 -3.39 -11.49
N VAL A 12 -3.03 -2.96 -12.69
CA VAL A 12 -4.42 -3.06 -13.13
C VAL A 12 -4.46 -3.73 -14.49
N SER A 13 -5.54 -4.46 -14.76
CA SER A 13 -5.69 -5.17 -16.03
C SER A 13 -6.32 -4.30 -17.12
N GLN A 14 -7.15 -3.34 -16.74
CA GLN A 14 -7.82 -2.45 -17.69
C GLN A 14 -7.78 -1.05 -17.10
N LEU A 15 -7.08 -0.14 -17.76
CA LEU A 15 -6.80 1.14 -17.13
C LEU A 15 -8.05 1.98 -16.95
N ALA A 16 -8.88 2.07 -17.98
CA ALA A 16 -10.02 3.00 -17.90
C ALA A 16 -10.98 2.64 -16.78
N PRO A 17 -11.43 1.39 -16.62
CA PRO A 17 -12.32 1.07 -15.50
C PRO A 17 -11.66 1.30 -14.15
N SER A 18 -10.35 1.08 -14.05
N SER A 18 -10.35 1.08 -14.06
CA SER A 18 -9.68 1.34 -12.78
CA SER A 18 -9.66 1.33 -12.80
C SER A 18 -9.60 2.82 -12.47
C SER A 18 -9.63 2.82 -12.49
N VAL A 19 -9.28 3.65 -13.48
CA VAL A 19 -9.30 5.09 -13.26
C VAL A 19 -10.69 5.52 -12.82
N ALA A 20 -11.73 5.01 -13.49
CA ALA A 20 -13.08 5.39 -13.12
C ALA A 20 -13.40 5.00 -11.68
N PHE A 21 -12.96 3.82 -11.27
CA PHE A 21 -13.24 3.37 -9.92
C PHE A 21 -12.61 4.30 -8.88
N TYR A 22 -11.32 4.60 -9.05
CA TYR A 22 -10.63 5.41 -8.03
C TYR A 22 -11.05 6.87 -8.09
N GLN A 23 -11.25 7.41 -9.29
CA GLN A 23 -11.60 8.82 -9.42
C GLN A 23 -13.10 9.03 -9.26
N GLN A 24 -13.92 8.38 -10.08
CA GLN A 24 -15.35 8.67 -10.03
C GLN A 24 -15.99 8.06 -8.79
N LEU A 25 -15.73 6.79 -8.51
CA LEU A 25 -16.47 6.12 -7.44
C LEU A 25 -15.90 6.46 -6.08
N LEU A 26 -14.59 6.45 -5.93
CA LEU A 26 -13.97 6.71 -4.63
C LEU A 26 -13.65 8.18 -4.41
N GLY A 27 -13.70 9.01 -5.46
CA GLY A 27 -13.50 10.43 -5.28
C GLY A 27 -12.07 10.92 -5.21
N MET A 28 -11.11 10.08 -5.59
CA MET A 28 -9.72 10.51 -5.56
C MET A 28 -9.47 11.51 -6.69
N THR A 29 -8.40 12.27 -6.56
CA THR A 29 -8.06 13.30 -7.53
C THR A 29 -7.16 12.72 -8.62
N LEU A 30 -7.60 12.84 -9.87
CA LEU A 30 -6.82 12.40 -11.01
C LEU A 30 -5.91 13.53 -11.50
N HIS A 31 -4.61 13.28 -11.54
CA HIS A 31 -3.65 14.29 -11.99
C HIS A 31 -3.17 14.09 -13.41
N ALA A 32 -3.02 12.84 -13.83
CA ALA A 32 -2.53 12.57 -15.18
C ALA A 32 -2.86 11.13 -15.51
N ARG A 33 -3.04 10.88 -16.81
N ARG A 33 -3.02 10.88 -16.81
CA ARG A 33 -3.18 9.52 -17.30
CA ARG A 33 -3.14 9.53 -17.30
C ARG A 33 -2.49 9.41 -18.66
C ARG A 33 -2.37 9.44 -18.61
N TRP A 34 -1.93 8.24 -18.93
CA TRP A 34 -1.25 7.97 -20.18
C TRP A 34 -1.61 6.55 -20.63
N ASP A 35 -0.98 6.11 -21.71
CA ASP A 35 -1.43 4.86 -22.32
C ASP A 35 -1.26 3.68 -21.38
N SER A 36 -0.34 3.77 -20.41
N SER A 36 -0.35 3.75 -20.41
CA SER A 36 0.00 2.65 -19.55
CA SER A 36 -0.13 2.60 -19.54
C SER A 36 -0.19 2.92 -18.06
C SER A 36 -0.11 2.97 -18.06
N GLY A 37 -0.79 4.04 -17.67
CA GLY A 37 -0.97 4.27 -16.25
C GLY A 37 -1.71 5.55 -15.94
N ALA A 38 -1.83 5.80 -14.64
CA ALA A 38 -2.43 7.03 -14.16
C ALA A 38 -1.85 7.37 -12.80
N TYR A 39 -1.82 8.67 -12.50
CA TYR A 39 -1.44 9.18 -11.20
C TYR A 39 -2.63 9.88 -10.54
N LEU A 40 -2.94 9.47 -9.32
CA LEU A 40 -4.00 10.05 -8.52
C LEU A 40 -3.45 10.42 -7.16
N SER A 41 -4.17 11.27 -6.44
CA SER A 41 -3.88 11.51 -5.05
C SER A 41 -5.14 11.35 -4.21
N CYS A 42 -4.93 10.99 -2.97
CA CYS A 42 -6.00 10.87 -1.98
C CYS A 42 -5.39 11.51 -0.72
N GLY A 43 -5.74 12.76 -0.46
CA GLY A 43 -4.99 13.50 0.54
C GLY A 43 -3.52 13.50 0.19
N ASP A 44 -2.68 13.10 1.14
N ASP A 44 -2.68 13.09 1.13
CA ASP A 44 -1.25 13.04 0.91
CA ASP A 44 -1.24 13.03 0.90
C ASP A 44 -0.81 11.80 0.13
C ASP A 44 -0.79 11.73 0.24
N LEU A 45 -1.68 10.80 -0.05
CA LEU A 45 -1.29 9.58 -0.75
C LEU A 45 -1.14 9.80 -2.25
N TRP A 46 0.01 9.39 -2.77
CA TRP A 46 0.27 9.27 -4.19
C TRP A 46 -0.07 7.84 -4.60
N LEU A 47 -1.11 7.69 -5.41
CA LEU A 47 -1.55 6.42 -5.97
C LEU A 47 -1.17 6.35 -7.45
N CYS A 48 -0.51 5.28 -7.83
N CYS A 48 -0.51 5.29 -7.84
CA CYS A 48 -0.21 4.98 -9.22
CA CYS A 48 -0.23 5.03 -9.25
C CYS A 48 -1.04 3.78 -9.62
C CYS A 48 -0.95 3.78 -9.68
N LEU A 49 -1.73 3.88 -10.75
CA LEU A 49 -2.34 2.74 -11.41
C LEU A 49 -1.46 2.40 -12.60
N SER A 50 -0.97 1.17 -12.66
CA SER A 50 -0.04 0.77 -13.70
C SER A 50 -0.62 -0.38 -14.50
N LEU A 51 -0.83 -0.15 -15.80
CA LEU A 51 -1.37 -1.19 -16.65
C LEU A 51 -0.38 -2.35 -16.73
N ASP A 52 -0.82 -3.54 -16.36
CA ASP A 52 0.09 -4.67 -16.31
C ASP A 52 -0.61 -5.88 -16.93
N PRO A 53 -0.10 -6.40 -18.06
CA PRO A 53 -0.72 -7.61 -18.63
C PRO A 53 -0.67 -8.81 -17.70
N GLN A 54 0.18 -8.79 -16.67
N GLN A 54 0.17 -8.78 -16.67
CA GLN A 54 0.24 -9.88 -15.71
CA GLN A 54 0.24 -9.89 -15.72
C GLN A 54 -0.86 -9.80 -14.66
C GLN A 54 -0.73 -9.73 -14.54
N ARG A 55 -1.49 -8.65 -14.46
CA ARG A 55 -2.55 -8.55 -13.45
C ARG A 55 -3.74 -9.42 -13.78
N ARG A 56 -4.14 -10.25 -12.84
CA ARG A 56 -5.35 -11.05 -12.97
C ARG A 56 -6.44 -10.51 -12.08
N VAL A 57 -7.67 -10.63 -12.57
CA VAL A 57 -8.85 -10.32 -11.75
C VAL A 57 -8.99 -11.45 -10.75
N THR A 58 -8.82 -11.17 -9.48
CA THR A 58 -8.56 -12.20 -8.49
C THR A 58 -9.68 -12.25 -7.47
N PRO A 59 -10.41 -13.36 -7.35
CA PRO A 59 -11.43 -13.45 -6.32
C PRO A 59 -10.78 -13.41 -4.94
N PRO A 60 -11.51 -12.92 -3.94
CA PRO A 60 -10.90 -12.66 -2.63
C PRO A 60 -10.49 -13.93 -1.91
N GLU A 61 -11.10 -15.06 -2.22
CA GLU A 61 -10.72 -16.33 -1.61
C GLU A 61 -9.39 -16.85 -2.17
N GLU A 62 -8.90 -16.29 -3.27
N GLU A 62 -8.93 -16.29 -3.29
CA GLU A 62 -7.67 -16.74 -3.88
CA GLU A 62 -7.69 -16.69 -3.95
C GLU A 62 -6.54 -15.71 -3.75
C GLU A 62 -6.49 -15.83 -3.55
N SER A 63 -6.72 -14.69 -2.91
CA SER A 63 -5.64 -13.83 -2.47
C SER A 63 -5.51 -13.84 -0.96
N ASP A 64 -4.32 -13.49 -0.50
CA ASP A 64 -4.06 -13.37 0.93
C ASP A 64 -4.64 -12.06 1.48
N TYR A 65 -4.38 -11.81 2.75
CA TYR A 65 -5.00 -10.71 3.49
C TYR A 65 -4.36 -9.35 3.22
N THR A 66 -3.35 -9.26 2.36
CA THR A 66 -2.75 -7.98 2.03
C THR A 66 -3.86 -7.02 1.58
N HIS A 67 -3.90 -5.81 2.15
CA HIS A 67 -4.97 -4.89 1.81
C HIS A 67 -4.58 -3.45 2.11
N TYR A 68 -5.36 -2.52 1.57
CA TYR A 68 -5.06 -1.08 1.56
C TYR A 68 -6.28 -0.37 2.13
N ALA A 69 -6.10 0.33 3.23
CA ALA A 69 -7.19 1.02 3.90
C ALA A 69 -7.05 2.52 3.72
N PHE A 70 -8.17 3.18 3.43
CA PHE A 70 -8.26 4.61 3.25
C PHE A 70 -9.00 5.24 4.42
N SER A 71 -8.53 6.40 4.86
CA SER A 71 -9.12 7.11 5.97
C SER A 71 -10.39 7.83 5.55
N ILE A 72 -11.37 7.77 6.44
CA ILE A 72 -12.63 8.49 6.27
C ILE A 72 -13.11 8.88 7.66
N SER A 73 -13.84 9.99 7.73
CA SER A 73 -14.29 10.47 9.01
C SER A 73 -15.47 9.65 9.53
N GLU A 74 -15.68 9.74 10.83
CA GLU A 74 -16.84 9.09 11.45
C GLU A 74 -18.15 9.58 10.83
N ALA A 75 -18.21 10.88 10.49
CA ALA A 75 -19.44 11.43 9.94
C ALA A 75 -19.73 10.95 8.52
N ASP A 76 -18.69 10.62 7.74
CA ASP A 76 -18.87 10.24 6.34
C ASP A 76 -18.90 8.73 6.13
N PHE A 77 -18.45 7.94 7.11
CA PHE A 77 -18.17 6.52 6.90
C PHE A 77 -19.38 5.76 6.39
N ALA A 78 -20.51 5.83 7.11
CA ALA A 78 -21.63 4.94 6.81
C ALA A 78 -22.24 5.26 5.46
N SER A 79 -22.36 6.53 5.11
N SER A 79 -22.40 6.55 5.14
CA SER A 79 -23.02 6.83 3.83
CA SER A 79 -22.97 6.92 3.86
C SER A 79 -22.12 6.49 2.65
C SER A 79 -22.11 6.41 2.72
N PHE A 80 -20.80 6.57 2.84
CA PHE A 80 -19.88 6.17 1.78
C PHE A 80 -19.93 4.67 1.59
N ALA A 81 -19.88 3.90 2.69
CA ALA A 81 -20.01 2.45 2.61
C ALA A 81 -21.33 2.06 1.94
N ALA A 82 -22.43 2.72 2.33
CA ALA A 82 -23.73 2.35 1.78
C ALA A 82 -23.80 2.68 0.29
N ARG A 83 -23.16 3.77 -0.13
CA ARG A 83 -23.11 4.10 -1.55
C ARG A 83 -22.34 3.06 -2.34
N LEU A 84 -21.20 2.60 -1.83
CA LEU A 84 -20.47 1.52 -2.50
C LEU A 84 -21.34 0.27 -2.60
N GLU A 85 -22.05 -0.07 -1.52
CA GLU A 85 -22.93 -1.24 -1.55
C GLU A 85 -24.01 -1.08 -2.60
N ALA A 86 -24.66 0.08 -2.63
CA ALA A 86 -25.73 0.29 -3.58
C ALA A 86 -25.21 0.27 -5.02
N ALA A 87 -23.94 0.64 -5.21
CA ALA A 87 -23.33 0.60 -6.53
C ALA A 87 -22.88 -0.80 -6.94
N GLY A 88 -23.05 -1.79 -6.09
CA GLY A 88 -22.72 -3.16 -6.45
C GLY A 88 -21.27 -3.52 -6.26
N VAL A 89 -20.51 -2.74 -5.50
CA VAL A 89 -19.11 -3.04 -5.26
C VAL A 89 -18.99 -4.30 -4.41
N ALA A 90 -18.19 -5.25 -4.88
CA ALA A 90 -18.02 -6.54 -4.23
C ALA A 90 -17.25 -6.37 -2.92
N VAL A 91 -17.47 -7.32 -2.03
N VAL A 91 -17.49 -7.31 -1.99
CA VAL A 91 -16.87 -7.24 -0.72
CA VAL A 91 -17.00 -7.21 -0.62
C VAL A 91 -15.98 -8.43 -0.50
C VAL A 91 -16.29 -8.51 -0.24
N TRP A 92 -15.32 -8.40 0.65
CA TRP A 92 -14.43 -9.48 0.96
C TRP A 92 -14.39 -9.75 2.44
N LYS A 93 -14.96 -8.90 3.28
CA LYS A 93 -14.92 -9.20 4.70
C LYS A 93 -16.06 -8.48 5.40
N LEU A 94 -16.63 -9.13 6.40
CA LEU A 94 -17.75 -8.57 7.14
C LEU A 94 -17.46 -8.32 8.62
N ASN A 95 -16.63 -9.15 9.25
CA ASN A 95 -16.36 -9.06 10.68
C ASN A 95 -15.40 -7.92 10.96
N ARG A 96 -15.81 -7.01 11.85
CA ARG A 96 -15.00 -5.84 12.19
C ARG A 96 -14.01 -6.25 13.26
N SER A 97 -12.89 -6.78 12.84
CA SER A 97 -11.86 -7.25 13.76
C SER A 97 -10.84 -6.17 14.07
N GLU A 98 -10.92 -5.00 13.44
CA GLU A 98 -9.97 -3.92 13.69
C GLU A 98 -10.68 -2.57 13.72
N GLY A 99 -11.85 -2.52 14.32
CA GLY A 99 -12.60 -1.29 14.46
C GLY A 99 -13.62 -1.07 13.36
N ALA A 100 -13.94 0.20 13.15
CA ALA A 100 -14.96 0.61 12.19
C ALA A 100 -14.38 0.60 10.78
N SER A 101 -14.72 -0.45 10.02
CA SER A 101 -14.15 -0.69 8.71
C SER A 101 -15.21 -1.25 7.78
N HIS A 102 -15.05 -0.93 6.50
CA HIS A 102 -15.84 -1.51 5.42
C HIS A 102 -14.86 -2.08 4.40
N TYR A 103 -14.99 -3.37 4.08
CA TYR A 103 -14.04 -4.10 3.25
C TYR A 103 -14.63 -4.31 1.85
N PHE A 104 -13.95 -3.81 0.83
CA PHE A 104 -14.48 -3.88 -0.52
C PHE A 104 -13.35 -4.13 -1.51
N LEU A 105 -13.72 -4.55 -2.71
CA LEU A 105 -12.80 -4.94 -3.76
C LEU A 105 -12.80 -3.94 -4.91
N ASP A 106 -11.64 -3.72 -5.50
CA ASP A 106 -11.50 -2.93 -6.73
C ASP A 106 -11.77 -3.86 -7.91
N PRO A 107 -11.80 -3.32 -9.13
CA PRO A 107 -12.18 -4.15 -10.30
C PRO A 107 -11.29 -5.36 -10.53
N ASP A 108 -10.04 -5.32 -10.11
CA ASP A 108 -9.12 -6.45 -10.24
C ASP A 108 -9.05 -7.31 -9.00
N GLY A 109 -9.85 -7.01 -7.99
CA GLY A 109 -9.79 -7.76 -6.76
C GLY A 109 -8.79 -7.25 -5.75
N HIS A 110 -8.16 -6.10 -5.97
CA HIS A 110 -7.35 -5.54 -4.90
C HIS A 110 -8.24 -5.34 -3.67
N LYS A 111 -7.73 -5.75 -2.52
CA LYS A 111 -8.49 -5.68 -1.29
C LYS A 111 -8.33 -4.29 -0.67
N LEU A 112 -9.45 -3.58 -0.59
CA LEU A 112 -9.51 -2.23 -0.07
C LEU A 112 -10.36 -2.17 1.19
N GLU A 113 -10.24 -1.05 1.89
CA GLU A 113 -10.95 -0.86 3.16
C GLU A 113 -11.18 0.62 3.37
N LEU A 114 -12.35 0.97 3.90
CA LEU A 114 -12.59 2.26 4.53
C LEU A 114 -12.41 2.06 6.03
N HIS A 115 -11.64 2.92 6.69
CA HIS A 115 -11.44 2.79 8.11
C HIS A 115 -11.51 4.14 8.81
N VAL A 116 -12.21 4.16 9.94
CA VAL A 116 -12.29 5.33 10.80
C VAL A 116 -11.33 5.13 11.96
N GLY A 117 -10.31 5.97 12.06
CA GLY A 117 -9.45 5.97 13.22
C GLY A 117 -7.98 5.84 12.89
N SER A 118 -7.14 6.37 13.79
CA SER A 118 -5.70 6.37 13.67
C SER A 118 -5.10 5.13 14.35
N LEU A 119 -3.79 4.96 14.15
CA LEU A 119 -3.07 3.92 14.86
C LEU A 119 -3.14 4.13 16.37
N ALA A 120 -2.97 5.37 16.82
CA ALA A 120 -3.08 5.64 18.26
C ALA A 120 -4.44 5.20 18.78
N GLN A 121 -5.51 5.50 18.05
CA GLN A 121 -6.84 5.12 18.51
C GLN A 121 -7.01 3.61 18.50
N ARG A 122 -6.42 2.92 17.51
N ARG A 122 -6.47 2.95 17.47
CA ARG A 122 -6.53 1.47 17.48
CA ARG A 122 -6.46 1.49 17.42
C ARG A 122 -5.74 0.83 18.62
C ARG A 122 -5.80 0.92 18.67
N LEU A 123 -4.59 1.41 18.98
CA LEU A 123 -3.84 0.88 20.11
C LEU A 123 -4.64 1.05 21.40
N ALA A 124 -5.26 2.22 21.58
CA ALA A 124 -6.07 2.45 22.78
C ALA A 124 -7.24 1.47 22.84
N ALA A 125 -7.90 1.23 21.71
CA ALA A 125 -9.01 0.28 21.72
C ALA A 125 -8.51 -1.13 22.03
N CYS A 126 -7.33 -1.48 21.50
CA CYS A 126 -6.79 -2.81 21.71
C CYS A 126 -6.38 -3.03 23.16
N ARG A 127 -5.99 -1.98 23.86
CA ARG A 127 -5.66 -2.16 25.28
C ARG A 127 -6.86 -2.69 26.04
N GLU A 128 -8.08 -2.26 25.66
CA GLU A 128 -9.29 -2.73 26.31
C GLU A 128 -9.76 -4.06 25.76
N GLN A 129 -9.59 -4.28 24.47
CA GLN A 129 -10.06 -5.47 23.76
C GLN A 129 -8.89 -5.94 22.93
N PRO A 130 -7.89 -6.55 23.56
CA PRO A 130 -6.66 -6.88 22.85
C PRO A 130 -6.81 -8.12 21.99
N TYR A 131 -5.99 -8.20 20.96
N TYR A 131 -5.98 -8.20 20.95
CA TYR A 131 -5.84 -9.44 20.21
CA TYR A 131 -5.81 -9.46 20.26
C TYR A 131 -5.06 -10.45 21.05
C TYR A 131 -5.22 -10.48 21.21
N LYS A 132 -5.33 -11.74 20.85
CA LYS A 132 -4.70 -12.78 21.65
C LYS A 132 -3.17 -12.66 21.68
N GLY A 133 -2.61 -12.61 22.89
CA GLY A 133 -1.19 -12.52 23.06
C GLY A 133 -0.61 -11.14 22.86
N MET A 134 -1.43 -10.10 22.84
CA MET A 134 -0.95 -8.78 22.48
C MET A 134 -0.03 -8.17 23.54
N VAL A 135 1.10 -7.64 23.07
N VAL A 135 1.09 -7.64 23.08
CA VAL A 135 2.06 -6.88 23.86
CA VAL A 135 2.03 -6.88 23.90
C VAL A 135 2.18 -5.51 23.22
C VAL A 135 2.23 -5.52 23.25
N PHE A 136 2.30 -4.48 24.06
CA PHE A 136 2.45 -3.11 23.63
C PHE A 136 3.85 -2.65 24.00
N PHE A 137 4.50 -1.96 23.08
CA PHE A 137 5.85 -1.46 23.31
C PHE A 137 5.79 0.05 23.53
N MET B 1 -15.84 11.33 2.20
CA MET B 1 -14.61 11.74 1.46
C MET B 1 -13.40 11.05 2.05
N LEU B 2 -12.59 10.46 1.18
CA LEU B 2 -11.38 9.79 1.64
C LEU B 2 -10.28 10.83 1.83
N SER B 3 -9.54 10.70 2.93
CA SER B 3 -8.58 11.73 3.30
C SER B 3 -7.13 11.28 3.22
N GLY B 4 -6.85 10.03 2.88
CA GLY B 4 -5.49 9.56 2.80
C GLY B 4 -5.45 8.06 2.96
N LEU B 5 -4.23 7.53 2.99
CA LEU B 5 -4.03 6.13 3.31
C LEU B 5 -4.08 5.96 4.82
N ASN B 6 -5.01 5.13 5.27
CA ASN B 6 -5.12 4.86 6.69
C ASN B 6 -4.08 3.85 7.17
N HIS B 7 -3.96 2.71 6.50
CA HIS B 7 -2.93 1.73 6.82
C HIS B 7 -2.69 0.82 5.62
N LEU B 8 -1.50 0.23 5.61
CA LEU B 8 -1.10 -0.80 4.67
C LEU B 8 -0.94 -2.08 5.46
N THR B 9 -1.62 -3.15 5.04
CA THR B 9 -1.50 -4.44 5.68
C THR B 9 -0.86 -5.41 4.72
N LEU B 10 0.23 -6.04 5.17
CA LEU B 10 0.92 -7.07 4.40
C LEU B 10 0.67 -8.42 5.06
N ALA B 11 0.16 -9.36 4.29
CA ALA B 11 0.10 -10.75 4.74
C ALA B 11 1.50 -11.33 4.76
N VAL B 12 1.84 -12.02 5.84
CA VAL B 12 3.17 -12.60 6.01
C VAL B 12 3.05 -14.07 6.36
N SER B 13 4.01 -14.87 5.91
CA SER B 13 3.97 -16.29 6.19
C SER B 13 4.59 -16.65 7.54
N GLN B 14 5.56 -15.86 8.01
CA GLN B 14 6.24 -16.10 9.28
C GLN B 14 6.43 -14.76 9.96
N LEU B 15 5.85 -14.60 11.15
CA LEU B 15 5.81 -13.28 11.75
C LEU B 15 7.19 -12.80 12.20
N ALA B 16 7.98 -13.69 12.81
CA ALA B 16 9.27 -13.25 13.36
C ALA B 16 10.20 -12.69 12.29
N PRO B 17 10.44 -13.37 11.16
CA PRO B 17 11.33 -12.76 10.16
C PRO B 17 10.77 -11.49 9.56
N SER B 18 9.45 -11.37 9.45
CA SER B 18 8.90 -10.14 8.92
C SER B 18 9.06 -8.99 9.90
N VAL B 19 8.86 -9.23 11.19
CA VAL B 19 9.14 -8.19 12.20
C VAL B 19 10.60 -7.81 12.16
N ALA B 20 11.50 -8.79 12.06
CA ALA B 20 12.92 -8.46 12.00
C ALA B 20 13.23 -7.60 10.80
N PHE B 21 12.63 -7.91 9.65
CA PHE B 21 12.87 -7.14 8.43
C PHE B 21 12.38 -5.71 8.57
N TYR B 22 11.12 -5.52 8.96
CA TYR B 22 10.57 -4.17 8.99
C TYR B 22 11.09 -3.35 10.15
N GLN B 23 11.23 -3.96 11.34
CA GLN B 23 11.72 -3.21 12.50
C GLN B 23 13.23 -3.06 12.47
N GLN B 24 13.96 -4.17 12.46
CA GLN B 24 15.39 -4.10 12.64
C GLN B 24 16.12 -3.66 11.37
N LEU B 25 15.83 -4.28 10.22
CA LEU B 25 16.55 -3.92 9.01
C LEU B 25 16.08 -2.59 8.47
N LEU B 26 14.77 -2.40 8.33
N LEU B 26 14.77 -2.40 8.34
CA LEU B 26 14.28 -1.17 7.73
CA LEU B 26 14.24 -1.18 7.74
C LEU B 26 14.18 -0.01 8.72
C LEU B 26 14.02 -0.04 8.72
N GLY B 27 14.18 -0.29 10.01
CA GLY B 27 14.13 0.75 11.02
C GLY B 27 12.76 1.27 11.41
N MET B 28 11.69 0.57 11.09
CA MET B 28 10.38 1.03 11.48
C MET B 28 10.14 0.80 12.97
N THR B 29 9.23 1.56 13.55
CA THR B 29 8.93 1.47 14.97
C THR B 29 7.88 0.42 15.21
N LEU B 30 8.19 -0.54 16.09
CA LEU B 30 7.24 -1.57 16.48
C LEU B 30 6.39 -1.09 17.66
N HIS B 31 5.08 -0.97 17.44
CA HIS B 31 4.19 -0.51 18.50
C HIS B 31 3.52 -1.63 19.27
N ALA B 32 3.20 -2.73 18.61
CA ALA B 32 2.50 -3.82 19.28
C ALA B 32 2.68 -5.08 18.45
N ARG B 33 2.60 -6.22 19.12
CA ARG B 33 2.66 -7.50 18.45
C ARG B 33 1.75 -8.45 19.20
N TRP B 34 1.08 -9.33 18.46
CA TRP B 34 0.21 -10.33 19.04
C TRP B 34 0.50 -11.64 18.33
N ASP B 35 -0.21 -12.69 18.72
CA ASP B 35 0.14 -14.01 18.21
C ASP B 35 0.07 -14.06 16.69
N SER B 36 -0.78 -13.25 16.06
CA SER B 36 -0.96 -13.33 14.62
C SER B 36 -0.71 -12.02 13.89
N GLY B 37 0.02 -11.08 14.48
CA GLY B 37 0.33 -9.87 13.71
C GLY B 37 1.16 -8.88 14.49
N ALA B 38 1.40 -7.74 13.85
CA ALA B 38 2.11 -6.64 14.47
C ALA B 38 1.69 -5.33 13.85
N TYR B 39 1.84 -4.26 14.63
CA TYR B 39 1.64 -2.91 14.16
C TYR B 39 2.96 -2.15 14.25
N LEU B 40 3.35 -1.51 13.15
CA LEU B 40 4.54 -0.69 13.08
C LEU B 40 4.16 0.66 12.48
N SER B 41 5.03 1.64 12.66
CA SER B 41 4.90 2.90 11.97
C SER B 41 6.21 3.27 11.30
N CYS B 42 6.08 4.05 10.24
CA CYS B 42 7.19 4.58 9.48
C CYS B 42 6.75 5.98 9.09
N GLY B 43 7.19 7.00 9.82
CA GLY B 43 6.60 8.31 9.63
C GLY B 43 5.10 8.22 9.87
N ASP B 44 4.33 8.78 8.94
N ASP B 44 4.33 8.78 8.93
CA ASP B 44 2.87 8.75 9.03
CA ASP B 44 2.87 8.74 9.03
C ASP B 44 2.26 7.49 8.43
C ASP B 44 2.29 7.37 8.69
N LEU B 45 3.07 6.50 8.06
CA LEU B 45 2.55 5.20 7.65
C LEU B 45 2.29 4.29 8.83
N TRP B 46 1.07 3.77 8.91
CA TRP B 46 0.68 2.68 9.78
C TRP B 46 0.77 1.40 8.96
N LEU B 47 1.70 0.54 9.35
CA LEU B 47 1.90 -0.76 8.72
C LEU B 47 1.41 -1.85 9.64
N CYS B 48 0.63 -2.77 9.10
N CYS B 48 0.61 -2.75 9.09
CA CYS B 48 0.20 -3.95 9.82
CA CYS B 48 0.19 -3.97 9.78
C CYS B 48 0.78 -5.17 9.13
C CYS B 48 0.86 -5.14 9.10
N LEU B 49 1.45 -6.03 9.90
CA LEU B 49 1.85 -7.35 9.42
C LEU B 49 0.84 -8.34 9.96
N SER B 50 0.24 -9.12 9.08
CA SER B 50 -0.80 -10.06 9.45
C SER B 50 -0.35 -11.47 9.09
N LEU B 51 -0.17 -12.32 10.09
CA LEU B 51 0.21 -13.71 9.85
C LEU B 51 -0.91 -14.42 9.10
N ASP B 52 -0.61 -14.98 7.95
CA ASP B 52 -1.62 -15.53 7.07
C ASP B 52 -1.10 -16.81 6.44
N PRO B 53 -1.63 -17.99 6.78
N PRO B 53 -1.66 -17.97 6.82
CA PRO B 53 -1.14 -19.21 6.12
CA PRO B 53 -1.26 -19.23 6.16
C PRO B 53 -1.42 -19.23 4.63
C PRO B 53 -1.47 -19.24 4.67
N GLN B 54 -2.26 -18.31 4.14
CA GLN B 54 -2.46 -18.23 2.71
C GLN B 54 -1.31 -17.53 2.00
N ARG B 55 -0.46 -16.83 2.72
CA ARG B 55 0.63 -16.12 2.05
C ARG B 55 1.65 -17.09 1.50
N ARG B 56 1.93 -17.01 0.21
N ARG B 56 1.91 -17.01 0.19
CA ARG B 56 2.98 -17.78 -0.42
CA ARG B 56 2.97 -17.75 -0.46
C ARG B 56 4.22 -16.92 -0.58
C ARG B 56 4.23 -16.89 -0.55
N VAL B 57 5.39 -17.52 -0.35
CA VAL B 57 6.65 -16.84 -0.62
C VAL B 57 6.76 -16.78 -2.13
N THR B 58 6.61 -15.60 -2.71
CA THR B 58 6.29 -15.49 -4.12
C THR B 58 7.45 -14.92 -4.91
N PRO B 59 8.02 -15.67 -5.86
CA PRO B 59 9.08 -15.11 -6.69
C PRO B 59 8.58 -13.90 -7.45
N PRO B 60 9.46 -12.93 -7.73
CA PRO B 60 9.00 -11.69 -8.37
C PRO B 60 8.49 -11.89 -9.78
N GLU B 61 8.97 -12.91 -10.49
CA GLU B 61 8.44 -13.20 -11.81
C GLU B 61 7.00 -13.67 -11.76
N GLU B 62 6.52 -14.10 -10.60
CA GLU B 62 5.20 -14.67 -10.47
C GLU B 62 4.19 -13.73 -9.84
N SER B 63 4.58 -12.51 -9.51
CA SER B 63 3.64 -11.51 -9.03
C SER B 63 3.60 -10.35 -10.01
N ASP B 64 2.51 -9.61 -9.96
CA ASP B 64 2.36 -8.45 -10.83
C ASP B 64 3.14 -7.27 -10.23
N TYR B 65 2.99 -6.10 -10.86
CA TYR B 65 3.80 -4.93 -10.57
C TYR B 65 3.33 -4.15 -9.34
N THR B 66 2.28 -4.59 -8.65
CA THR B 66 1.85 -3.90 -7.44
C THR B 66 3.01 -3.79 -6.47
N HIS B 67 3.23 -2.59 -5.94
CA HIS B 67 4.38 -2.40 -5.06
C HIS B 67 4.20 -1.20 -4.16
N TYR B 68 5.05 -1.16 -3.13
CA TYR B 68 4.95 -0.21 -2.03
C TYR B 68 6.28 0.51 -1.91
N ALA B 69 6.27 1.83 -2.13
CA ALA B 69 7.48 2.64 -2.10
C ALA B 69 7.54 3.45 -0.83
N PHE B 70 8.70 3.43 -0.16
CA PHE B 70 8.95 4.22 1.04
C PHE B 70 9.81 5.42 0.70
N SER B 71 9.54 6.54 1.36
CA SER B 71 10.33 7.73 1.15
C SER B 71 11.63 7.68 1.94
N ILE B 72 12.68 8.20 1.32
CA ILE B 72 13.99 8.37 1.92
C ILE B 72 14.60 9.61 1.28
N SER B 73 15.48 10.29 2.01
CA SER B 73 16.15 11.44 1.40
C SER B 73 17.22 10.98 0.42
N GLU B 74 17.54 11.87 -0.53
CA GLU B 74 18.63 11.58 -1.45
C GLU B 74 19.91 11.32 -0.67
N ALA B 75 20.17 12.10 0.38
CA ALA B 75 21.41 11.95 1.13
C ALA B 75 21.51 10.60 1.81
N ASP B 76 20.40 9.99 2.21
CA ASP B 76 20.42 8.71 2.90
C ASP B 76 20.30 7.51 1.96
N PHE B 77 19.94 7.73 0.70
CA PHE B 77 19.56 6.65 -0.21
C PHE B 77 20.66 5.61 -0.37
N ALA B 78 21.88 6.04 -0.72
CA ALA B 78 22.91 5.07 -1.10
C ALA B 78 23.32 4.20 0.09
N SER B 79 23.41 4.77 1.28
N SER B 79 23.45 4.81 1.27
CA SER B 79 23.83 3.95 2.41
CA SER B 79 23.79 4.02 2.45
C SER B 79 22.71 3.00 2.84
C SER B 79 22.71 2.98 2.74
N PHE B 80 21.45 3.37 2.64
CA PHE B 80 20.36 2.45 2.96
C PHE B 80 20.32 1.31 1.95
N ALA B 81 20.51 1.63 0.67
CA ALA B 81 20.60 0.57 -0.33
C ALA B 81 21.75 -0.38 -0.02
N ALA B 82 22.90 0.18 0.41
CA ALA B 82 24.04 -0.68 0.73
C ALA B 82 23.75 -1.57 1.93
N ARG B 83 22.97 -1.07 2.90
CA ARG B 83 22.55 -1.87 4.04
C ARG B 83 21.70 -3.05 3.59
N LEU B 84 20.74 -2.80 2.71
CA LEU B 84 19.92 -3.87 2.18
C LEU B 84 20.78 -4.89 1.43
N GLU B 85 21.73 -4.41 0.62
N GLU B 85 21.74 -4.42 0.65
CA GLU B 85 22.61 -5.32 -0.10
CA GLU B 85 22.61 -5.32 -0.09
C GLU B 85 23.43 -6.17 0.88
C GLU B 85 23.48 -6.15 0.84
N ALA B 86 24.01 -5.54 1.90
CA ALA B 86 24.80 -6.30 2.87
C ALA B 86 23.96 -7.41 3.50
N ALA B 87 22.69 -7.13 3.78
CA ALA B 87 21.75 -8.08 4.34
C ALA B 87 21.27 -9.12 3.33
N GLY B 88 21.72 -9.05 2.08
CA GLY B 88 21.33 -10.04 1.10
C GLY B 88 19.94 -9.88 0.56
N VAL B 89 19.37 -8.70 0.63
CA VAL B 89 18.01 -8.48 0.18
C VAL B 89 18.00 -8.42 -1.34
N ALA B 90 17.12 -9.21 -1.96
CA ALA B 90 17.08 -9.28 -3.41
C ALA B 90 16.44 -8.06 -4.05
N VAL B 91 16.95 -7.71 -5.23
CA VAL B 91 16.43 -6.64 -6.07
C VAL B 91 15.57 -7.26 -7.16
N TRP B 92 14.45 -6.61 -7.46
CA TRP B 92 13.53 -7.12 -8.47
C TRP B 92 13.45 -6.28 -9.74
N LYS B 93 14.13 -5.14 -9.80
CA LYS B 93 14.05 -4.23 -10.93
C LYS B 93 15.19 -3.24 -10.80
N LEU B 94 15.72 -2.77 -11.94
CA LEU B 94 16.64 -1.63 -11.96
C LEU B 94 15.88 -0.33 -12.20
N ASN B 95 16.38 0.76 -11.62
CA ASN B 95 15.75 2.06 -11.85
C ASN B 95 16.04 2.60 -13.26
N ARG B 96 14.97 3.03 -13.94
CA ARG B 96 15.04 3.69 -15.24
C ARG B 96 14.16 4.94 -15.33
N SER B 97 13.67 5.44 -14.20
N SER B 97 13.74 5.50 -14.20
CA SER B 97 12.75 6.58 -14.13
CA SER B 97 12.84 6.65 -14.23
C SER B 97 13.42 7.73 -13.38
C SER B 97 13.33 7.68 -13.22
N GLU B 98 12.69 8.84 -13.24
CA GLU B 98 13.27 10.00 -12.57
C GLU B 98 13.17 9.82 -11.06
N GLY B 99 14.20 10.31 -10.37
CA GLY B 99 14.29 10.13 -8.94
C GLY B 99 14.93 8.81 -8.61
N ALA B 100 15.84 8.82 -7.64
CA ALA B 100 16.45 7.59 -7.21
C ALA B 100 15.40 6.58 -6.75
N SER B 101 15.60 5.33 -7.14
CA SER B 101 14.72 4.24 -6.71
C SER B 101 15.56 2.99 -6.56
N HIS B 102 15.29 2.23 -5.49
CA HIS B 102 15.88 0.93 -5.23
C HIS B 102 14.73 -0.04 -5.05
N TYR B 103 14.69 -1.10 -5.85
CA TYR B 103 13.55 -2.03 -5.87
C TYR B 103 13.93 -3.34 -5.21
N PHE B 104 13.33 -3.64 -4.07
CA PHE B 104 13.78 -4.76 -3.25
C PHE B 104 12.59 -5.57 -2.76
N LEU B 105 12.85 -6.82 -2.37
CA LEU B 105 11.81 -7.75 -1.98
C LEU B 105 11.83 -7.99 -0.47
N ASP B 106 10.65 -8.12 0.12
CA ASP B 106 10.53 -8.55 1.51
C ASP B 106 10.62 -10.07 1.59
N PRO B 107 10.62 -10.62 2.81
CA PRO B 107 10.82 -12.07 2.97
C PRO B 107 9.80 -12.93 2.27
N ASP B 108 8.60 -12.42 2.04
CA ASP B 108 7.55 -13.14 1.35
C ASP B 108 7.43 -12.77 -0.11
N GLY B 109 8.34 -11.93 -0.60
CA GLY B 109 8.26 -11.49 -1.97
C GLY B 109 7.40 -10.26 -2.20
N HIS B 110 6.94 -9.59 -1.15
CA HIS B 110 6.27 -8.31 -1.39
C HIS B 110 7.24 -7.38 -2.08
N LYS B 111 6.76 -6.69 -3.11
CA LYS B 111 7.59 -5.78 -3.88
C LYS B 111 7.64 -4.41 -3.23
N LEU B 112 8.84 -4.01 -2.82
CA LEU B 112 9.10 -2.76 -2.14
C LEU B 112 10.02 -1.88 -2.98
N GLU B 113 10.05 -0.60 -2.61
CA GLU B 113 10.88 0.37 -3.29
C GLU B 113 11.31 1.44 -2.29
N LEU B 114 12.55 1.90 -2.41
CA LEU B 114 12.97 3.17 -1.83
C LEU B 114 12.89 4.20 -2.95
N HIS B 115 12.21 5.32 -2.72
CA HIS B 115 12.14 6.36 -3.74
C HIS B 115 12.39 7.73 -3.13
N VAL B 116 13.14 8.54 -3.87
CA VAL B 116 13.36 9.95 -3.58
C VAL B 116 12.58 10.77 -4.58
N GLY B 117 11.60 11.52 -4.09
CA GLY B 117 10.87 12.44 -4.95
C GLY B 117 9.38 12.32 -4.73
N SER B 118 8.68 13.44 -4.87
CA SER B 118 7.25 13.53 -4.63
C SER B 118 6.46 13.38 -5.93
N LEU B 119 5.13 13.30 -5.78
CA LEU B 119 4.24 13.35 -6.94
C LEU B 119 4.44 14.65 -7.71
N ALA B 120 4.55 15.78 -7.00
CA ALA B 120 4.76 17.06 -7.67
C ALA B 120 6.02 17.02 -8.53
N GLN B 121 7.10 16.44 -8.02
CA GLN B 121 8.33 16.34 -8.80
C GLN B 121 8.14 15.47 -10.02
N ARG B 122 7.46 14.34 -9.85
CA ARG B 122 7.19 13.48 -11.00
C ARG B 122 6.35 14.20 -12.05
N LEU B 123 5.29 14.89 -11.62
CA LEU B 123 4.43 15.57 -12.58
C LEU B 123 5.20 16.65 -13.33
N ALA B 124 6.08 17.39 -12.64
CA ALA B 124 6.87 18.40 -13.31
C ALA B 124 7.76 17.78 -14.37
N ALA B 125 8.40 16.65 -14.05
CA ALA B 125 9.23 15.97 -15.04
C ALA B 125 8.39 15.47 -16.21
N CYS B 126 7.19 14.96 -15.92
CA CYS B 126 6.32 14.48 -16.99
C CYS B 126 5.80 15.61 -17.88
N ARG B 127 5.54 16.78 -17.31
N ARG B 127 5.53 16.78 -17.31
CA ARG B 127 5.08 17.89 -18.15
CA ARG B 127 5.09 17.89 -18.15
C ARG B 127 6.14 18.28 -19.16
C ARG B 127 6.15 18.25 -19.17
N GLU B 128 7.42 18.20 -18.77
CA GLU B 128 8.50 18.51 -19.70
C GLU B 128 8.73 17.40 -20.72
N GLN B 129 8.48 16.15 -20.33
CA GLN B 129 8.75 14.99 -21.18
C GLN B 129 7.62 13.98 -21.01
N PRO B 130 6.46 14.24 -21.63
CA PRO B 130 5.28 13.42 -21.33
C PRO B 130 5.44 12.00 -21.84
N TYR B 131 4.92 11.05 -21.06
CA TYR B 131 4.82 9.69 -21.50
C TYR B 131 3.88 9.59 -22.69
N LYS B 132 3.97 8.47 -23.40
CA LYS B 132 3.12 8.26 -24.57
C LYS B 132 1.64 8.31 -24.18
N GLY B 133 0.90 9.19 -24.85
CA GLY B 133 -0.51 9.36 -24.60
C GLY B 133 -0.87 10.14 -23.36
N MET B 134 0.08 10.87 -22.80
CA MET B 134 -0.16 11.52 -21.52
C MET B 134 -1.02 12.76 -21.63
N VAL B 135 -1.98 12.84 -20.72
N VAL B 135 -2.00 12.86 -20.75
CA VAL B 135 -2.91 13.95 -20.54
CA VAL B 135 -2.81 14.05 -20.61
C VAL B 135 -2.84 14.35 -19.07
C VAL B 135 -2.94 14.37 -19.12
N PHE B 136 -2.92 15.65 -18.81
CA PHE B 136 -2.91 16.19 -17.46
C PHE B 136 -4.28 16.77 -17.14
N PHE B 137 -4.61 16.78 -15.86
CA PHE B 137 -5.91 17.29 -15.40
C PHE B 137 -5.71 18.31 -14.31
C4 RBJ C . -6.82 10.26 -21.75
C5 RBJ C . -8.02 9.60 -21.99
C6 RBJ C . -8.01 8.30 -22.46
C7 RBJ C . -6.81 7.66 -22.68
O RBJ C . -9.22 10.27 -21.86
C3 RBJ C . -5.63 9.61 -21.99
C2 RBJ C . -5.60 8.30 -22.45
C1 RBJ C . -4.30 7.64 -22.83
N RBJ C . -3.75 8.22 -24.09
C RBJ C . -4.37 7.64 -25.32
H1 RBJ C . -6.83 11.18 -21.42
H2 RBJ C . -8.85 7.83 -22.63
H3 RBJ C . -6.84 6.74 -23.01
H4 RBJ C . -9.86 9.73 -22.04
H5 RBJ C . -4.79 10.09 -21.80
H6 RBJ C . -3.63 7.78 -22.13
H7 RBJ C . -4.43 6.69 -22.98
H8 RBJ C . -2.88 8.09 -24.10
H10 RBJ C . -3.79 7.86 -26.08
H11 RBJ C . -4.43 6.67 -25.20
H12 RBJ C . -5.26 8.03 -25.43
H8B RBJ C . -3.86 9.09 -24.08
C1 EDO D . 3.70 -3.28 -16.06
O1 EDO D . 2.97 -2.54 -15.11
C2 EDO D . 5.17 -3.26 -15.71
O2 EDO D . 5.55 -1.94 -15.39
H11 EDO D . 3.59 -2.91 -16.95
H12 EDO D . 3.41 -4.20 -16.11
HO1 EDO D . 2.14 -2.61 -15.31
H21 EDO D . 5.66 -3.61 -16.46
H22 EDO D . 5.31 -3.87 -14.98
HO2 EDO D . 6.37 -1.92 -15.22
MN MN E . -7.26 -3.15 7.62
S DMS F . 1.09 7.64 12.35
O DMS F . -0.29 7.89 12.94
C1 DMS F . 0.93 5.99 11.63
C2 DMS F . 2.16 7.10 13.70
H11 DMS F . 0.51 6.05 10.76
H12 DMS F . 0.38 5.43 12.20
H13 DMS F . 1.81 5.59 11.53
H21 DMS F . 2.08 7.71 14.45
H22 DMS F . 3.08 7.09 13.39
H23 DMS F . 1.91 6.20 13.97
MN MN G . 7.24 2.86 -7.85
#